data_6BK5
#
_entry.id   6BK5
#
_cell.length_a   115.251
_cell.length_b   115.251
_cell.length_c   68.777
_cell.angle_alpha   90.00
_cell.angle_beta   90.00
_cell.angle_gamma   120.00
#
_symmetry.space_group_name_H-M   'P 31 2 1'
#
loop_
_entity.id
_entity.type
_entity.pdbx_description
1 polymer 'Ubiquitin Ligase Cbl'
2 non-polymer 'CALCIUM ION'
3 water water
#
_entity_poly.entity_id   1
_entity_poly.type   'polypeptide(L)'
_entity_poly.pdbx_seq_one_letter_code
;MATRPTGFDKAKERAKQWLKDRFQRTDLFTCEPGAVDARTTSRIEKATRKLLTLCSNKRLKLKNSPPYLQGILFDTNDFF
RRIFSLNTLDTLRDCPYLNLAVRKYLIHCRIATKLFRDAGEEMESEDSEYRRQLNKYTLVFSHMLADLQAVYKDGHLDAD
FTIVKIDAREFWHRQFGKRLVVPWSELVPIMQAELGLSEKEGPALQHTMDITENNHVSWFEFDVFTRLFQPWSQLINNWY
VLALNHPAYKAFITYDEVEAILRHHLHRPGSYVYRLSCTRLGQWAIGFVTRAGKIVQTIPQNKSLYQALLDGVEERLYLY
PDGKNVQLDLKRMISDAPQNRVQVTKEEY
;
_entity_poly.pdbx_strand_id   A
#
# COMPACT_ATOMS: atom_id res chain seq x y z
N ASP A 27 10.71 3.79 20.37
CA ASP A 27 9.50 3.55 19.59
C ASP A 27 9.21 2.05 19.56
N LEU A 28 8.04 1.67 19.04
CA LEU A 28 7.59 0.28 19.10
C LEU A 28 8.19 -0.57 17.99
N PHE A 29 8.38 -0.01 16.80
CA PHE A 29 8.78 -0.80 15.64
C PHE A 29 10.27 -0.64 15.44
N THR A 30 10.99 -1.74 15.63
CA THR A 30 12.44 -1.72 15.63
C THR A 30 12.95 -3.00 14.98
N CYS A 31 14.16 -2.92 14.42
CA CYS A 31 14.74 -4.06 13.70
C CYS A 31 15.70 -4.89 14.53
N GLU A 32 15.94 -4.50 15.78
CA GLU A 32 16.91 -5.18 16.61
C GLU A 32 16.45 -6.61 16.89
N PRO A 33 17.39 -7.51 17.17
CA PRO A 33 17.00 -8.89 17.49
C PRO A 33 16.26 -8.94 18.81
N GLY A 34 15.46 -9.99 18.97
CA GLY A 34 14.77 -10.23 20.23
C GLY A 34 13.34 -10.71 20.03
N ALA A 35 12.80 -10.49 18.85
CA ALA A 35 11.43 -10.91 18.56
C ALA A 35 11.38 -12.31 17.96
N VAL A 36 12.48 -12.78 17.39
CA VAL A 36 12.56 -14.08 16.74
C VAL A 36 13.21 -15.04 17.74
N ASP A 37 12.45 -16.02 18.22
CA ASP A 37 13.03 -17.07 19.07
C ASP A 37 12.13 -18.31 18.98
N ALA A 38 12.44 -19.30 19.81
CA ALA A 38 11.73 -20.57 19.79
C ALA A 38 10.25 -20.45 20.13
N ARG A 39 9.78 -19.32 20.69
CA ARG A 39 8.36 -19.17 21.01
C ARG A 39 7.62 -18.27 20.05
N THR A 40 8.28 -17.74 19.02
CA THR A 40 7.67 -16.75 18.15
C THR A 40 6.40 -17.29 17.50
N THR A 41 6.41 -18.53 16.97
CA THR A 41 5.23 -18.99 16.26
C THR A 41 4.07 -19.22 17.24
N SER A 42 4.39 -19.67 18.45
CA SER A 42 3.37 -19.74 19.49
C SER A 42 2.73 -18.37 19.75
N ARG A 43 3.55 -17.32 19.88
CA ARG A 43 2.97 -15.99 20.10
C ARG A 43 2.17 -15.54 18.88
N ILE A 44 2.68 -15.85 17.68
CA ILE A 44 1.96 -15.45 16.48
C ILE A 44 0.65 -16.20 16.35
N GLU A 45 0.65 -17.49 16.71
CA GLU A 45 -0.59 -18.26 16.62
C GLU A 45 -1.61 -17.79 17.66
N LYS A 46 -1.16 -17.47 18.89
CA LYS A 46 -2.08 -17.04 19.92
C LYS A 46 -2.72 -15.71 19.56
N ALA A 47 -1.94 -14.77 19.02
CA ALA A 47 -2.52 -13.50 18.59
C ALA A 47 -3.48 -13.70 17.42
N THR A 48 -3.17 -14.65 16.54
CA THR A 48 -3.96 -14.85 15.33
C THR A 48 -5.33 -15.47 15.65
N ARG A 49 -5.37 -16.55 16.44
CA ARG A 49 -6.67 -17.13 16.70
C ARG A 49 -7.50 -16.24 17.62
N LYS A 50 -6.85 -15.51 18.53
CA LYS A 50 -7.55 -14.52 19.36
C LYS A 50 -8.36 -13.56 18.50
N LEU A 51 -7.82 -13.21 17.35
CA LEU A 51 -8.45 -12.28 16.43
C LEU A 51 -9.38 -12.97 15.45
N LEU A 52 -9.04 -14.20 15.03
CA LEU A 52 -9.95 -14.97 14.19
C LEU A 52 -11.25 -15.30 14.92
N THR A 53 -11.19 -15.49 16.24
CA THR A 53 -12.40 -15.71 16.99
C THR A 53 -13.28 -14.46 17.01
N LEU A 54 -12.65 -13.29 17.14
CA LEU A 54 -13.38 -12.04 17.10
C LEU A 54 -14.10 -11.87 15.76
N CYS A 55 -13.33 -11.81 14.68
CA CYS A 55 -13.96 -11.61 13.38
C CYS A 55 -14.53 -12.90 12.81
N SER A 56 -15.12 -13.72 13.67
CA SER A 56 -15.84 -14.92 13.27
C SER A 56 -17.32 -14.86 13.62
N ASN A 57 -17.78 -13.75 14.21
CA ASN A 57 -19.20 -13.54 14.36
C ASN A 57 -19.86 -13.61 12.99
N LYS A 58 -20.68 -14.63 12.74
CA LYS A 58 -21.60 -14.52 11.62
C LYS A 58 -22.48 -13.29 11.76
N ARG A 59 -22.64 -12.78 12.98
CA ARG A 59 -23.27 -11.49 13.21
C ARG A 59 -22.56 -10.39 12.44
N LEU A 60 -21.24 -10.33 12.55
CA LEU A 60 -20.46 -9.43 11.71
C LEU A 60 -20.71 -9.76 10.24
N LYS A 61 -21.14 -8.77 9.48
CA LYS A 61 -21.43 -8.98 8.06
C LYS A 61 -20.18 -8.94 7.19
N LEU A 62 -19.00 -9.20 7.77
CA LEU A 62 -17.73 -9.09 7.06
C LEU A 62 -17.75 -9.90 5.78
N LYS A 63 -17.51 -9.22 4.66
CA LYS A 63 -17.57 -9.86 3.34
C LYS A 63 -16.22 -10.49 2.98
N ASN A 64 -16.29 -11.44 2.04
CA ASN A 64 -15.09 -12.11 1.56
C ASN A 64 -14.26 -11.21 0.65
N SER A 65 -14.85 -10.14 0.11
CA SER A 65 -14.17 -9.27 -0.83
C SER A 65 -12.82 -8.84 -0.27
N PRO A 66 -11.74 -8.93 -1.05
CA PRO A 66 -10.43 -8.45 -0.59
C PRO A 66 -10.48 -6.95 -0.34
N PRO A 67 -9.81 -6.45 0.71
CA PRO A 67 -9.00 -7.27 1.62
C PRO A 67 -9.86 -8.07 2.61
N TYR A 68 -9.61 -9.38 2.69
CA TYR A 68 -10.41 -10.28 3.51
C TYR A 68 -9.64 -10.61 4.80
N LEU A 69 -10.10 -10.04 5.91
CA LEU A 69 -9.31 -10.07 7.14
C LEU A 69 -9.03 -11.49 7.62
N GLN A 70 -10.07 -12.33 7.68
CA GLN A 70 -9.89 -13.70 8.18
C GLN A 70 -8.92 -14.49 7.31
N GLY A 71 -9.03 -14.36 5.99
CA GLY A 71 -8.11 -15.05 5.11
C GLY A 71 -6.69 -14.55 5.27
N ILE A 72 -6.51 -13.24 5.42
CA ILE A 72 -5.17 -12.70 5.60
C ILE A 72 -4.56 -13.20 6.90
N LEU A 73 -5.35 -13.16 7.98
CA LEU A 73 -4.84 -13.62 9.27
C LEU A 73 -4.41 -15.08 9.18
N PHE A 74 -5.28 -15.92 8.63
CA PHE A 74 -4.93 -17.31 8.41
C PHE A 74 -3.65 -17.43 7.58
N ASP A 75 -3.60 -16.73 6.43
CA ASP A 75 -2.46 -16.85 5.53
C ASP A 75 -1.17 -16.41 6.20
N THR A 76 -1.24 -15.34 7.01
CA THR A 76 -0.02 -14.78 7.60
C THR A 76 0.55 -15.71 8.66
N ASN A 77 -0.29 -16.16 9.59
CA ASN A 77 0.11 -17.20 10.53
C ASN A 77 0.73 -18.38 9.80
N ASP A 78 0.10 -18.80 8.71
CA ASP A 78 0.62 -19.93 7.95
C ASP A 78 1.97 -19.58 7.33
N PHE A 79 2.16 -18.33 6.90
CA PHE A 79 3.42 -18.03 6.22
C PHE A 79 4.57 -17.90 7.20
N PHE A 80 4.31 -17.35 8.39
CA PHE A 80 5.32 -17.41 9.46
C PHE A 80 5.68 -18.85 9.80
N ARG A 81 4.68 -19.74 9.91
CA ARG A 81 5.00 -21.13 10.23
C ARG A 81 5.88 -21.75 9.16
N ARG A 82 5.67 -21.36 7.91
CA ARG A 82 6.48 -21.87 6.83
C ARG A 82 7.93 -21.40 6.98
N ILE A 83 8.13 -20.12 7.30
CA ILE A 83 9.48 -19.59 7.46
C ILE A 83 10.20 -20.32 8.58
N PHE A 84 9.54 -20.50 9.72
CA PHE A 84 10.18 -21.16 10.85
C PHE A 84 10.33 -22.67 10.66
N SER A 85 9.63 -23.26 9.71
CA SER A 85 9.86 -24.66 9.41
C SER A 85 10.97 -24.86 8.39
N LEU A 86 11.27 -23.85 7.57
CA LEU A 86 12.26 -23.96 6.52
C LEU A 86 13.63 -23.42 6.92
N ASN A 87 13.72 -22.73 8.06
CA ASN A 87 14.94 -22.08 8.50
C ASN A 87 15.14 -22.34 9.99
N THR A 88 16.38 -22.65 10.38
CA THR A 88 16.66 -22.78 11.79
C THR A 88 16.65 -21.41 12.47
N LEU A 89 16.56 -21.44 13.79
CA LEU A 89 16.59 -20.20 14.55
C LEU A 89 17.89 -19.43 14.32
N ASP A 90 19.02 -20.14 14.32
CA ASP A 90 20.32 -19.56 13.97
C ASP A 90 20.26 -18.71 12.72
N THR A 91 19.46 -19.14 11.74
CA THR A 91 19.33 -18.41 10.49
C THR A 91 18.38 -17.21 10.63
N LEU A 92 17.32 -17.35 11.38
CA LEU A 92 16.31 -16.31 11.47
C LEU A 92 16.57 -15.29 12.57
N ARG A 93 17.39 -15.65 13.56
CA ARG A 93 17.42 -14.94 14.83
C ARG A 93 17.70 -13.44 14.65
N ASP A 94 18.65 -13.09 13.81
CA ASP A 94 19.15 -11.72 13.76
C ASP A 94 18.65 -10.95 12.55
N CYS A 95 17.72 -11.51 11.79
CA CYS A 95 17.25 -10.83 10.58
C CYS A 95 16.57 -9.51 10.95
N PRO A 96 17.06 -8.35 10.48
CA PRO A 96 16.38 -7.09 10.78
C PRO A 96 14.95 -7.08 10.28
N TYR A 97 14.69 -7.57 9.06
CA TYR A 97 13.31 -7.53 8.57
C TYR A 97 12.40 -8.44 9.39
N LEU A 98 12.79 -9.70 9.61
CA LEU A 98 11.85 -10.63 10.24
C LEU A 98 11.53 -10.19 11.66
N ASN A 99 12.50 -9.61 12.37
CA ASN A 99 12.22 -9.13 13.72
C ASN A 99 11.23 -7.97 13.66
N LEU A 100 11.39 -7.07 12.70
CA LEU A 100 10.44 -5.98 12.51
C LEU A 100 9.04 -6.51 12.19
N ALA A 101 8.96 -7.46 11.26
CA ALA A 101 7.67 -7.95 10.81
C ALA A 101 6.94 -8.68 11.94
N VAL A 102 7.67 -9.44 12.75
CA VAL A 102 7.04 -10.10 13.90
C VAL A 102 6.50 -9.05 14.87
N ARG A 103 7.32 -8.06 15.21
CA ARG A 103 6.87 -7.03 16.15
C ARG A 103 5.63 -6.33 15.64
N LYS A 104 5.62 -5.96 14.35
CA LYS A 104 4.49 -5.23 13.79
C LYS A 104 3.23 -6.08 13.81
N TYR A 105 3.35 -7.37 13.46
CA TYR A 105 2.18 -8.25 13.45
C TYR A 105 1.60 -8.40 14.85
N LEU A 106 2.44 -8.72 15.84
CA LEU A 106 1.93 -8.89 17.19
C LEU A 106 1.31 -7.60 17.71
N ILE A 107 1.93 -6.45 17.40
CA ILE A 107 1.39 -5.19 17.86
C ILE A 107 0.10 -4.87 17.12
N HIS A 108 0.07 -5.10 15.80
CA HIS A 108 -1.13 -4.81 15.03
C HIS A 108 -2.29 -5.73 15.47
N CYS A 109 -2.00 -7.00 15.73
CA CYS A 109 -3.04 -7.86 16.30
C CYS A 109 -3.53 -7.29 17.63
N ARG A 110 -2.62 -6.76 18.45
CA ARG A 110 -3.00 -6.23 19.74
C ARG A 110 -3.94 -5.03 19.58
N ILE A 111 -3.58 -4.10 18.70
CA ILE A 111 -4.40 -2.91 18.47
C ILE A 111 -5.76 -3.30 17.91
N ALA A 112 -5.77 -4.18 16.91
CA ALA A 112 -7.03 -4.59 16.29
C ALA A 112 -7.90 -5.33 17.27
N THR A 113 -7.30 -6.17 18.11
CA THR A 113 -8.05 -6.86 19.16
C THR A 113 -8.67 -5.85 20.11
N LYS A 114 -7.94 -4.80 20.47
CA LYS A 114 -8.50 -3.78 21.35
C LYS A 114 -9.60 -2.98 20.66
N LEU A 115 -9.51 -2.83 19.33
CA LEU A 115 -10.57 -2.15 18.61
C LEU A 115 -11.86 -2.96 18.63
N PHE A 116 -11.76 -4.30 18.56
CA PHE A 116 -12.96 -5.12 18.68
C PHE A 116 -13.59 -5.00 20.06
N ARG A 117 -12.74 -5.03 21.11
CA ARG A 117 -13.24 -4.89 22.48
C ARG A 117 -14.04 -3.61 22.63
N ASP A 118 -13.44 -2.47 22.30
CA ASP A 118 -14.14 -1.20 22.37
C ASP A 118 -15.32 -1.18 21.40
N ALA A 119 -16.53 -1.09 21.96
CA ALA A 119 -17.76 -1.14 21.17
C ALA A 119 -17.83 -2.44 20.36
N GLY A 120 -18.04 -3.53 21.10
CA GLY A 120 -18.26 -4.81 20.46
C GLY A 120 -19.53 -4.80 19.64
N GLU A 121 -20.62 -4.30 20.22
CA GLU A 121 -21.87 -4.20 19.48
C GLU A 121 -21.73 -3.23 18.30
N GLU A 122 -21.15 -2.06 18.55
CA GLU A 122 -20.97 -1.09 17.48
C GLU A 122 -20.11 -1.62 16.34
N MET A 123 -19.25 -2.62 16.61
CA MET A 123 -18.50 -3.21 15.51
C MET A 123 -19.43 -3.84 14.47
N GLU A 124 -20.61 -4.28 14.90
CA GLU A 124 -21.61 -4.71 13.93
C GLU A 124 -22.11 -3.55 13.07
N SER A 125 -22.05 -2.32 13.56
CA SER A 125 -22.54 -1.16 12.81
C SER A 125 -21.63 -0.94 11.60
N GLU A 126 -22.08 -1.42 10.43
CA GLU A 126 -21.27 -1.39 9.22
C GLU A 126 -20.66 -0.03 8.94
N ASP A 127 -21.37 1.04 9.28
CA ASP A 127 -20.91 2.40 9.03
C ASP A 127 -20.20 3.02 10.23
N SER A 128 -20.01 2.27 11.31
CA SER A 128 -19.41 2.86 12.51
C SER A 128 -17.95 3.24 12.27
N GLU A 129 -17.52 4.29 12.98
CA GLU A 129 -16.11 4.65 13.01
C GLU A 129 -15.25 3.46 13.40
N TYR A 130 -15.76 2.60 14.28
CA TYR A 130 -15.05 1.38 14.65
C TYR A 130 -14.82 0.49 13.44
N ARG A 131 -15.82 0.31 12.59
CA ARG A 131 -15.64 -0.56 11.44
C ARG A 131 -14.77 0.08 10.37
N ARG A 132 -14.88 1.40 10.19
CA ARG A 132 -14.01 2.05 9.22
C ARG A 132 -12.55 2.00 9.67
N GLN A 133 -12.29 2.05 10.98
CA GLN A 133 -10.93 1.79 11.46
C GLN A 133 -10.55 0.34 11.22
N LEU A 134 -11.51 -0.58 11.35
CA LEU A 134 -11.20 -2.00 11.13
C LEU A 134 -10.84 -2.25 9.68
N ASN A 135 -11.67 -1.79 8.74
CA ASN A 135 -11.37 -1.93 7.32
C ASN A 135 -10.01 -1.31 6.99
N LYS A 136 -9.65 -0.23 7.68
CA LYS A 136 -8.32 0.33 7.53
C LYS A 136 -7.25 -0.62 8.07
N TYR A 137 -7.52 -1.27 9.20
CA TYR A 137 -6.53 -2.16 9.79
C TYR A 137 -6.34 -3.43 8.97
N THR A 138 -7.38 -3.88 8.27
CA THR A 138 -7.19 -5.08 7.47
C THR A 138 -6.41 -4.77 6.21
N LEU A 139 -6.54 -3.53 5.70
CA LEU A 139 -5.69 -3.13 4.59
C LEU A 139 -4.22 -3.20 4.98
N VAL A 140 -3.91 -2.75 6.21
CA VAL A 140 -2.53 -2.83 6.66
C VAL A 140 -2.09 -4.28 6.79
N PHE A 141 -2.93 -5.12 7.42
CA PHE A 141 -2.63 -6.56 7.48
C PHE A 141 -2.32 -7.13 6.10
N SER A 142 -3.13 -6.77 5.11
CA SER A 142 -2.91 -7.22 3.74
C SER A 142 -1.53 -6.81 3.24
N HIS A 143 -1.17 -5.53 3.46
CA HIS A 143 0.15 -5.06 3.06
C HIS A 143 1.25 -5.80 3.79
N MET A 144 1.06 -6.07 5.08
CA MET A 144 2.11 -6.73 5.85
C MET A 144 2.39 -8.12 5.29
N LEU A 145 1.34 -8.84 4.91
CA LEU A 145 1.51 -10.17 4.33
C LEU A 145 2.20 -10.10 2.98
N ALA A 146 1.77 -9.18 2.12
CA ALA A 146 2.41 -9.07 0.82
C ALA A 146 3.87 -8.68 0.99
N ASP A 147 4.18 -7.89 2.01
CA ASP A 147 5.55 -7.50 2.27
C ASP A 147 6.37 -8.70 2.75
N LEU A 148 5.80 -9.46 3.68
CA LEU A 148 6.47 -10.66 4.20
C LEU A 148 6.70 -11.67 3.09
N GLN A 149 5.72 -11.84 2.20
CA GLN A 149 5.85 -12.83 1.13
C GLN A 149 6.83 -12.41 0.06
N ALA A 150 7.13 -11.11 -0.06
CA ALA A 150 8.17 -10.66 -0.98
C ALA A 150 9.55 -10.79 -0.36
N VAL A 151 9.72 -10.30 0.88
CA VAL A 151 11.04 -10.32 1.51
C VAL A 151 11.48 -11.75 1.80
N TYR A 152 10.54 -12.59 2.27
CA TYR A 152 10.81 -14.00 2.54
C TYR A 152 10.15 -14.89 1.51
N LYS A 153 10.35 -14.56 0.23
CA LYS A 153 9.75 -15.26 -0.90
C LYS A 153 9.89 -16.77 -0.75
N ASP A 154 8.78 -17.48 -0.91
CA ASP A 154 8.74 -18.95 -0.74
C ASP A 154 9.28 -19.39 0.63
N GLY A 155 9.22 -18.51 1.61
CA GLY A 155 9.61 -18.88 2.96
C GLY A 155 11.10 -18.82 3.23
N HIS A 156 11.88 -18.26 2.32
CA HIS A 156 13.31 -18.08 2.54
C HIS A 156 13.64 -16.62 2.30
N LEU A 157 14.67 -16.16 2.97
CA LEU A 157 15.13 -14.79 2.74
C LEU A 157 15.61 -14.64 1.31
N ASP A 158 14.95 -13.79 0.54
CA ASP A 158 15.40 -13.48 -0.82
C ASP A 158 16.53 -12.47 -0.70
N ALA A 159 17.75 -12.99 -0.53
CA ALA A 159 18.91 -12.15 -0.31
C ALA A 159 19.26 -11.33 -1.55
N ASP A 160 18.97 -11.84 -2.74
CA ASP A 160 19.26 -11.12 -3.97
C ASP A 160 17.97 -10.56 -4.58
N PHE A 161 17.27 -9.75 -3.78
CA PHE A 161 16.02 -9.17 -4.23
C PHE A 161 16.28 -8.27 -5.44
N THR A 162 15.27 -8.15 -6.29
CA THR A 162 15.35 -7.33 -7.50
C THR A 162 14.25 -6.30 -7.43
N ILE A 163 14.62 -5.03 -7.20
CA ILE A 163 13.70 -3.92 -7.42
C ILE A 163 13.48 -3.75 -8.91
N VAL A 164 12.22 -3.58 -9.31
CA VAL A 164 11.88 -3.74 -10.71
C VAL A 164 12.44 -2.59 -11.54
N LYS A 165 12.15 -1.36 -11.15
CA LYS A 165 12.58 -0.22 -11.97
C LYS A 165 14.06 0.04 -11.77
N ILE A 166 14.79 0.12 -12.89
CA ILE A 166 16.25 0.08 -12.84
C ILE A 166 16.82 1.25 -12.04
N ASP A 167 16.19 2.44 -12.12
CA ASP A 167 16.74 3.59 -11.41
C ASP A 167 16.51 3.46 -9.92
N ALA A 168 15.36 2.93 -9.52
CA ALA A 168 15.13 2.66 -8.11
C ALA A 168 16.06 1.55 -7.61
N ARG A 169 16.39 0.59 -8.45
CA ARG A 169 17.27 -0.50 -8.03
C ARG A 169 18.67 0.03 -7.78
N GLU A 170 19.17 0.88 -8.70
CA GLU A 170 20.49 1.47 -8.53
C GLU A 170 20.52 2.39 -7.31
N PHE A 171 19.42 3.10 -7.04
CA PHE A 171 19.36 3.98 -5.88
C PHE A 171 19.46 3.18 -4.59
N TRP A 172 18.66 2.13 -4.46
CA TRP A 172 18.72 1.32 -3.25
C TRP A 172 20.08 0.67 -3.10
N HIS A 173 20.62 0.14 -4.20
CA HIS A 173 21.92 -0.50 -4.09
C HIS A 173 22.97 0.50 -3.65
N ARG A 174 22.95 1.71 -4.22
CA ARG A 174 24.01 2.68 -3.96
C ARG A 174 23.91 3.24 -2.54
N GLN A 175 22.69 3.47 -2.05
CA GLN A 175 22.50 4.01 -0.70
C GLN A 175 22.55 2.92 0.36
N PHE A 176 22.00 1.74 0.07
CA PHE A 176 21.76 0.77 1.12
C PHE A 176 22.37 -0.61 0.85
N GLY A 177 22.98 -0.82 -0.31
CA GLY A 177 23.52 -2.13 -0.63
C GLY A 177 22.45 -3.21 -0.57
N LYS A 178 22.70 -4.25 0.23
CA LYS A 178 21.80 -5.39 0.33
C LYS A 178 20.94 -5.35 1.57
N ARG A 179 20.92 -4.23 2.28
CA ARG A 179 19.99 -4.09 3.40
C ARG A 179 18.55 -4.28 2.92
N LEU A 180 17.75 -4.94 3.75
CA LEU A 180 16.39 -5.30 3.40
C LEU A 180 15.41 -4.19 3.68
N VAL A 181 15.73 -3.33 4.64
CA VAL A 181 14.74 -2.46 5.25
C VAL A 181 15.50 -1.31 5.92
N VAL A 182 14.97 -0.09 5.80
CA VAL A 182 15.62 1.07 6.41
C VAL A 182 14.59 1.88 7.18
N PRO A 183 14.98 2.53 8.28
CA PRO A 183 14.04 3.41 9.00
C PRO A 183 13.65 4.63 8.18
N TRP A 184 12.41 5.07 8.36
CA TRP A 184 11.93 6.26 7.67
C TRP A 184 12.86 7.44 7.89
N SER A 185 13.35 7.61 9.12
CA SER A 185 14.17 8.77 9.46
C SER A 185 15.52 8.74 8.76
N GLU A 186 16.02 7.55 8.41
CA GLU A 186 17.25 7.50 7.62
C GLU A 186 16.97 7.77 6.15
N LEU A 187 15.80 7.34 5.66
CA LEU A 187 15.48 7.50 4.23
C LEU A 187 15.22 8.97 3.90
N VAL A 188 14.60 9.69 4.82
CA VAL A 188 14.10 11.04 4.49
C VAL A 188 15.21 11.98 4.03
N PRO A 189 16.36 12.09 4.71
CA PRO A 189 17.39 13.03 4.22
C PRO A 189 17.88 12.70 2.83
N ILE A 190 17.96 11.42 2.50
CA ILE A 190 18.42 11.00 1.18
C ILE A 190 17.41 11.39 0.11
N MET A 191 16.12 11.20 0.38
CA MET A 191 15.13 11.60 -0.61
C MET A 191 15.05 13.11 -0.75
N GLN A 192 15.31 13.85 0.34
CA GLN A 192 15.40 15.30 0.24
C GLN A 192 16.52 15.71 -0.70
N ALA A 193 17.70 15.13 -0.50
CA ALA A 193 18.88 15.53 -1.25
C ALA A 193 18.84 15.04 -2.69
N GLU A 194 18.41 13.79 -2.91
CA GLU A 194 18.52 13.21 -4.25
C GLU A 194 17.28 13.43 -5.10
N LEU A 195 16.10 13.40 -4.48
CA LEU A 195 14.83 13.44 -5.16
C LEU A 195 14.04 14.72 -4.94
N GLY A 196 14.60 15.71 -4.22
CA GLY A 196 13.93 16.99 -4.05
C GLY A 196 12.70 17.00 -3.15
N LEU A 197 12.56 16.02 -2.26
CA LEU A 197 11.51 16.08 -1.26
C LEU A 197 11.79 17.22 -0.27
N SER A 198 10.74 17.93 0.14
CA SER A 198 10.88 18.87 1.24
C SER A 198 10.36 18.26 2.54
N GLU A 199 10.88 18.78 3.65
CA GLU A 199 10.54 18.28 4.98
C GLU A 199 9.03 18.19 5.18
N LYS A 200 8.30 19.28 4.90
CA LYS A 200 6.87 19.33 5.14
C LYS A 200 6.12 18.24 4.37
N GLU A 201 6.66 17.76 3.26
CA GLU A 201 5.99 16.71 2.51
C GLU A 201 6.22 15.34 3.13
N GLY A 202 7.17 15.22 4.07
CA GLY A 202 7.56 13.95 4.63
C GLY A 202 6.39 13.12 5.11
N PRO A 203 5.59 13.68 6.02
CA PRO A 203 4.43 12.92 6.54
C PRO A 203 3.47 12.46 5.46
N ALA A 204 3.15 13.29 4.47
CA ALA A 204 2.29 12.82 3.39
C ALA A 204 2.98 11.71 2.62
N LEU A 205 4.29 11.86 2.36
CA LEU A 205 5.03 10.83 1.64
C LEU A 205 5.04 9.52 2.42
N GLN A 206 5.27 9.58 3.74
CA GLN A 206 5.29 8.36 4.53
C GLN A 206 3.95 7.64 4.45
N HIS A 207 2.87 8.42 4.41
CA HIS A 207 1.55 7.81 4.31
C HIS A 207 1.41 6.98 3.04
N THR A 208 2.04 7.41 1.93
CA THR A 208 1.91 6.68 0.67
C THR A 208 2.91 5.53 0.55
N MET A 209 4.10 5.67 1.11
CA MET A 209 5.20 4.73 0.89
C MET A 209 5.33 3.68 1.98
N ASP A 210 5.17 4.07 3.24
CA ASP A 210 5.21 3.15 4.38
C ASP A 210 3.83 2.50 4.52
N ILE A 211 3.51 1.64 3.55
CA ILE A 211 2.17 1.06 3.54
C ILE A 211 1.99 0.03 4.64
N THR A 212 3.07 -0.61 5.10
CA THR A 212 2.92 -1.51 6.24
C THR A 212 2.85 -0.77 7.56
N GLU A 213 3.08 0.55 7.54
CA GLU A 213 2.90 1.42 8.70
C GLU A 213 3.74 0.95 9.89
N ASN A 214 5.01 0.66 9.62
CA ASN A 214 5.93 0.25 10.67
C ASN A 214 7.15 1.17 10.77
N ASN A 215 7.07 2.40 10.22
CA ASN A 215 8.13 3.41 10.31
C ASN A 215 9.39 3.03 9.55
N HIS A 216 9.31 2.02 8.69
CA HIS A 216 10.42 1.62 7.89
C HIS A 216 9.96 1.54 6.44
N VAL A 217 10.90 1.45 5.54
CA VAL A 217 10.62 1.16 4.14
C VAL A 217 11.47 -0.04 3.76
N SER A 218 10.83 -1.18 3.53
CA SER A 218 11.53 -2.34 3.02
C SER A 218 11.83 -2.14 1.53
N TRP A 219 12.72 -2.99 0.99
CA TRP A 219 13.02 -2.86 -0.42
C TRP A 219 11.77 -3.07 -1.25
N PHE A 220 10.82 -3.87 -0.74
CA PHE A 220 9.60 -4.13 -1.48
C PHE A 220 8.65 -2.93 -1.44
N GLU A 221 8.51 -2.28 -0.29
CA GLU A 221 7.72 -1.05 -0.30
C GLU A 221 8.31 -0.02 -1.23
N PHE A 222 9.65 0.06 -1.29
CA PHE A 222 10.28 0.99 -2.20
C PHE A 222 10.06 0.57 -3.64
N ASP A 223 10.07 -0.74 -3.88
CA ASP A 223 9.74 -1.27 -5.19
C ASP A 223 8.29 -0.96 -5.57
N VAL A 224 7.36 -1.09 -4.62
CA VAL A 224 5.97 -0.80 -4.92
C VAL A 224 5.81 0.68 -5.29
N PHE A 225 6.41 1.55 -4.49
CA PHE A 225 6.21 2.99 -4.69
C PHE A 225 6.81 3.46 -6.00
N THR A 226 8.00 2.96 -6.35
CA THR A 226 8.67 3.44 -7.56
C THR A 226 8.03 2.86 -8.83
N ARG A 227 7.41 1.68 -8.75
CA ARG A 227 6.57 1.21 -9.85
C ARG A 227 5.32 2.07 -10.00
N LEU A 228 4.70 2.49 -8.88
CA LEU A 228 3.48 3.30 -8.96
C LEU A 228 3.73 4.69 -9.53
N PHE A 229 4.83 5.33 -9.12
CA PHE A 229 4.99 6.75 -9.43
C PHE A 229 6.13 7.01 -10.42
N GLN A 230 6.59 5.97 -11.14
CA GLN A 230 7.49 6.11 -12.28
C GLN A 230 6.87 7.10 -13.26
N PRO A 231 7.67 7.80 -14.10
CA PRO A 231 9.12 7.69 -14.27
C PRO A 231 9.94 8.31 -13.12
N TRP A 232 11.07 7.65 -12.84
CA TRP A 232 11.98 8.04 -11.76
C TRP A 232 12.34 9.51 -11.80
N SER A 233 12.59 10.06 -13.00
CA SER A 233 13.03 11.45 -13.11
C SER A 233 12.01 12.46 -12.60
N GLN A 234 10.77 12.06 -12.35
CA GLN A 234 9.76 12.97 -11.82
C GLN A 234 9.06 12.37 -10.62
N LEU A 235 9.77 11.51 -9.87
CA LEU A 235 9.14 10.62 -8.90
C LEU A 235 8.25 11.38 -7.91
N ILE A 236 8.79 12.41 -7.26
CA ILE A 236 8.00 13.10 -6.24
C ILE A 236 6.89 13.91 -6.90
N ASN A 237 7.18 14.57 -8.03
CA ASN A 237 6.15 15.34 -8.72
C ASN A 237 5.03 14.44 -9.21
N ASN A 238 5.36 13.24 -9.70
CA ASN A 238 4.34 12.29 -10.08
C ASN A 238 3.47 11.93 -8.89
N TRP A 239 4.11 11.68 -7.74
CA TRP A 239 3.37 11.37 -6.53
C TRP A 239 2.46 12.51 -6.14
N TYR A 240 2.99 13.74 -6.18
CA TYR A 240 2.23 14.89 -5.74
C TYR A 240 1.00 15.10 -6.63
N VAL A 241 1.15 14.89 -7.93
CA VAL A 241 0.02 15.08 -8.85
C VAL A 241 -0.93 13.88 -8.80
N LEU A 242 -0.40 12.67 -8.99
CA LEU A 242 -1.23 11.49 -9.22
C LEU A 242 -1.87 10.97 -7.94
N ALA A 243 -1.25 11.21 -6.78
CA ALA A 243 -1.82 10.75 -5.52
C ALA A 243 -2.38 11.86 -4.64
N LEU A 244 -1.95 13.11 -4.81
CA LEU A 244 -2.47 14.17 -3.98
C LEU A 244 -3.37 15.16 -4.71
N ASN A 245 -3.29 15.26 -6.05
CA ASN A 245 -3.97 16.38 -6.66
C ASN A 245 -4.67 16.02 -7.97
N HIS A 246 -5.06 14.76 -8.15
CA HIS A 246 -5.72 14.35 -9.37
C HIS A 246 -7.13 13.89 -9.02
N PRO A 247 -8.17 14.49 -9.59
CA PRO A 247 -9.54 14.17 -9.15
C PRO A 247 -9.95 12.74 -9.43
N ALA A 248 -9.23 12.02 -10.31
CA ALA A 248 -9.61 10.65 -10.60
C ALA A 248 -9.06 9.64 -9.59
N TYR A 249 -8.11 10.02 -8.72
CA TYR A 249 -7.50 9.07 -7.80
C TYR A 249 -8.49 8.64 -6.71
N LYS A 250 -8.68 7.33 -6.55
CA LYS A 250 -9.59 6.84 -5.51
C LYS A 250 -8.92 5.97 -4.46
N ALA A 251 -7.59 5.90 -4.45
CA ALA A 251 -6.80 5.17 -3.44
C ALA A 251 -7.22 3.68 -3.43
N PHE A 252 -7.25 3.04 -2.26
CA PHE A 252 -7.54 1.60 -2.15
C PHE A 252 -9.04 1.44 -1.97
N ILE A 253 -9.73 1.25 -3.08
CA ILE A 253 -11.12 0.86 -3.06
C ILE A 253 -11.27 -0.42 -3.88
N THR A 254 -12.43 -1.05 -3.76
CA THR A 254 -12.66 -2.33 -4.39
C THR A 254 -13.16 -2.14 -5.82
N TYR A 255 -13.07 -3.24 -6.57
CA TYR A 255 -13.71 -3.34 -7.89
C TYR A 255 -15.17 -2.89 -7.83
N ASP A 256 -15.92 -3.38 -6.85
CA ASP A 256 -17.34 -3.02 -6.76
C ASP A 256 -17.51 -1.54 -6.51
N GLU A 257 -16.63 -0.96 -5.69
CA GLU A 257 -16.72 0.48 -5.42
C GLU A 257 -16.49 1.30 -6.69
N VAL A 258 -15.49 0.92 -7.49
CA VAL A 258 -15.27 1.59 -8.78
C VAL A 258 -16.51 1.52 -9.64
N GLU A 259 -17.15 0.35 -9.69
CA GLU A 259 -18.33 0.22 -10.53
C GLU A 259 -19.45 1.11 -10.02
N ALA A 260 -19.63 1.16 -8.70
CA ALA A 260 -20.71 1.96 -8.12
C ALA A 260 -20.50 3.44 -8.42
N ILE A 261 -19.23 3.90 -8.42
CA ILE A 261 -18.94 5.27 -8.82
C ILE A 261 -19.35 5.50 -10.26
N LEU A 262 -18.90 4.61 -11.15
CA LEU A 262 -19.03 4.89 -12.57
C LEU A 262 -20.46 4.73 -13.08
N ARG A 263 -21.29 3.93 -12.39
CA ARG A 263 -22.70 3.82 -12.78
C ARG A 263 -23.38 5.18 -12.84
N HIS A 264 -22.93 6.15 -12.03
CA HIS A 264 -23.50 7.49 -12.09
C HIS A 264 -23.23 8.18 -13.41
N HIS A 265 -22.31 7.66 -14.22
CA HIS A 265 -21.77 8.41 -15.33
C HIS A 265 -21.90 7.63 -16.63
N LEU A 266 -22.87 6.71 -16.71
CA LEU A 266 -23.01 5.89 -17.90
C LEU A 266 -23.30 6.71 -19.15
N HIS A 267 -24.03 7.83 -18.99
CA HIS A 267 -24.38 8.75 -20.05
C HIS A 267 -23.21 9.64 -20.48
N ARG A 268 -22.03 9.42 -19.91
CA ARG A 268 -20.86 10.27 -20.13
C ARG A 268 -19.67 9.39 -20.45
N PRO A 269 -19.61 8.86 -21.67
CA PRO A 269 -18.43 8.10 -22.11
C PRO A 269 -17.15 8.90 -21.90
N GLY A 270 -16.12 8.24 -21.38
CA GLY A 270 -14.88 8.91 -21.05
C GLY A 270 -14.73 9.26 -19.60
N SER A 271 -15.78 9.08 -18.81
CA SER A 271 -15.64 9.16 -17.36
C SER A 271 -14.74 8.04 -16.87
N TYR A 272 -13.87 8.36 -15.93
CA TYR A 272 -12.90 7.39 -15.44
C TYR A 272 -12.46 7.75 -14.02
N VAL A 273 -12.04 6.73 -13.29
CA VAL A 273 -11.30 6.87 -12.04
C VAL A 273 -10.22 5.81 -12.10
N TYR A 274 -9.20 5.97 -11.27
CA TYR A 274 -8.17 4.96 -11.12
C TYR A 274 -7.97 4.75 -9.64
N ARG A 275 -7.46 3.55 -9.31
CA ARG A 275 -7.42 3.08 -7.94
C ARG A 275 -6.21 2.19 -7.75
N LEU A 276 -5.85 1.97 -6.50
CA LEU A 276 -4.84 1.01 -6.09
C LEU A 276 -5.54 -0.29 -5.69
N SER A 277 -4.87 -1.42 -5.92
CA SER A 277 -5.44 -2.74 -5.66
C SER A 277 -4.64 -3.45 -4.59
N CYS A 278 -5.29 -3.81 -3.48
CA CYS A 278 -4.56 -4.46 -2.39
C CYS A 278 -4.03 -5.85 -2.78
N THR A 279 -4.59 -6.50 -3.79
CA THR A 279 -4.07 -7.79 -4.25
C THR A 279 -2.98 -7.63 -5.32
N ARG A 280 -2.70 -6.42 -5.80
CA ARG A 280 -1.71 -6.22 -6.84
C ARG A 280 -0.92 -4.96 -6.47
N LEU A 281 -0.07 -5.04 -5.44
CA LEU A 281 0.69 -3.88 -5.01
C LEU A 281 1.63 -3.42 -6.11
N GLY A 282 1.76 -2.10 -6.25
CA GLY A 282 2.63 -1.55 -7.27
C GLY A 282 2.02 -1.47 -8.64
N GLN A 283 0.74 -1.81 -8.78
CA GLN A 283 0.03 -1.70 -10.04
C GLN A 283 -1.23 -0.91 -9.82
N TRP A 284 -1.65 -0.20 -10.86
CA TRP A 284 -2.89 0.54 -10.82
C TRP A 284 -3.98 -0.18 -11.59
N ALA A 285 -5.21 0.15 -11.25
CA ALA A 285 -6.39 -0.28 -11.99
C ALA A 285 -7.16 0.97 -12.39
N ILE A 286 -7.66 0.99 -13.62
CA ILE A 286 -8.39 2.12 -14.16
C ILE A 286 -9.78 1.64 -14.57
N GLY A 287 -10.81 2.37 -14.16
CA GLY A 287 -12.18 2.10 -14.55
C GLY A 287 -12.68 3.24 -15.43
N PHE A 288 -13.34 2.89 -16.54
CA PHE A 288 -13.90 3.97 -17.36
C PHE A 288 -15.18 3.50 -18.04
N VAL A 289 -15.92 4.48 -18.55
CA VAL A 289 -17.13 4.27 -19.32
C VAL A 289 -16.76 4.34 -20.80
N THR A 290 -17.01 3.26 -21.53
CA THR A 290 -16.69 3.23 -22.95
C THR A 290 -17.68 4.07 -23.74
N ARG A 291 -17.33 4.28 -25.01
CA ARG A 291 -18.21 5.02 -25.92
C ARG A 291 -19.55 4.34 -26.13
N ALA A 292 -19.68 3.07 -25.76
CA ALA A 292 -20.98 2.41 -25.88
C ALA A 292 -21.78 2.46 -24.59
N GLY A 293 -21.25 3.06 -23.53
CA GLY A 293 -21.94 3.07 -22.26
C GLY A 293 -21.60 1.92 -21.33
N LYS A 294 -20.58 1.13 -21.62
CA LYS A 294 -20.23 0.04 -20.72
C LYS A 294 -19.19 0.52 -19.71
N ILE A 295 -19.23 -0.06 -18.52
CA ILE A 295 -18.16 0.12 -17.57
C ILE A 295 -17.12 -0.97 -17.78
N VAL A 296 -15.86 -0.56 -17.87
CA VAL A 296 -14.72 -1.42 -18.11
C VAL A 296 -13.65 -1.10 -17.07
N GLN A 297 -13.09 -2.14 -16.45
CA GLN A 297 -11.98 -1.98 -15.53
C GLN A 297 -10.82 -2.83 -16.03
N THR A 298 -9.64 -2.22 -16.15
CA THR A 298 -8.45 -2.93 -16.56
C THR A 298 -7.32 -2.67 -15.59
N ILE A 299 -6.32 -3.55 -15.67
CA ILE A 299 -5.01 -3.30 -15.06
C ILE A 299 -4.02 -3.11 -16.20
N PRO A 300 -3.68 -1.88 -16.55
CA PRO A 300 -2.77 -1.66 -17.68
C PRO A 300 -1.51 -2.52 -17.62
N GLN A 301 -1.29 -3.31 -18.67
CA GLN A 301 -0.17 -4.24 -18.69
C GLN A 301 1.10 -3.51 -19.08
N ASN A 302 2.13 -3.64 -18.25
CA ASN A 302 3.46 -3.21 -18.65
C ASN A 302 3.44 -1.74 -19.04
N LYS A 303 2.77 -0.92 -18.24
CA LYS A 303 2.61 0.49 -18.57
C LYS A 303 2.41 1.30 -17.31
N SER A 304 3.13 2.41 -17.18
CA SER A 304 2.99 3.24 -16.01
C SER A 304 1.64 3.94 -16.01
N LEU A 305 1.21 4.37 -14.83
CA LEU A 305 -0.04 5.11 -14.76
C LEU A 305 0.08 6.44 -15.47
N TYR A 306 1.24 7.11 -15.32
CA TYR A 306 1.49 8.34 -16.05
C TYR A 306 1.25 8.16 -17.54
N GLN A 307 1.93 7.19 -18.13
CA GLN A 307 1.78 6.93 -19.54
C GLN A 307 0.39 6.39 -19.90
N ALA A 308 -0.22 5.58 -19.03
CA ALA A 308 -1.56 5.09 -19.32
C ALA A 308 -2.55 6.25 -19.42
N LEU A 309 -2.39 7.25 -18.56
CA LEU A 309 -3.28 8.42 -18.62
C LEU A 309 -3.00 9.25 -19.87
N LEU A 310 -1.73 9.44 -20.22
CA LEU A 310 -1.40 10.20 -21.42
C LEU A 310 -2.00 9.55 -22.66
N ASP A 311 -1.86 8.23 -22.79
CA ASP A 311 -2.38 7.52 -23.96
C ASP A 311 -3.90 7.44 -23.94
N GLY A 312 -4.51 7.36 -22.75
CA GLY A 312 -5.96 7.30 -22.69
C GLY A 312 -6.63 8.61 -23.09
N VAL A 313 -6.00 9.74 -22.74
CA VAL A 313 -6.48 11.03 -23.23
C VAL A 313 -6.32 11.11 -24.74
N GLU A 314 -5.18 10.66 -25.26
CA GLU A 314 -4.92 10.72 -26.69
C GLU A 314 -5.86 9.78 -27.47
N GLU A 315 -6.18 8.62 -26.91
CA GLU A 315 -7.13 7.70 -27.53
C GLU A 315 -8.58 8.06 -27.15
N ARG A 316 -8.78 9.11 -26.36
CA ARG A 316 -10.11 9.62 -26.00
C ARG A 316 -10.90 8.63 -25.16
N LEU A 317 -10.22 7.82 -24.37
CA LEU A 317 -10.87 6.92 -23.42
C LEU A 317 -11.08 7.59 -22.08
N TYR A 318 -10.08 8.34 -21.61
CA TYR A 318 -10.09 8.95 -20.28
C TYR A 318 -10.24 10.46 -20.46
N LEU A 319 -11.49 10.93 -20.44
CA LEU A 319 -11.78 12.34 -20.68
C LEU A 319 -12.27 13.08 -19.45
N TYR A 320 -13.03 12.44 -18.56
CA TYR A 320 -13.73 13.15 -17.49
C TYR A 320 -13.33 12.50 -16.18
N PRO A 321 -12.30 13.02 -15.52
CA PRO A 321 -11.86 12.40 -14.25
C PRO A 321 -12.98 12.48 -13.23
N ASP A 322 -13.34 11.31 -12.69
CA ASP A 322 -14.46 11.19 -11.74
C ASP A 322 -15.76 11.75 -12.33
N GLY A 323 -15.90 11.70 -13.65
CA GLY A 323 -17.07 12.24 -14.30
C GLY A 323 -17.11 13.75 -14.35
N LYS A 324 -16.10 14.45 -13.88
CA LYS A 324 -16.16 15.90 -13.84
C LYS A 324 -15.74 16.48 -15.17
N ASN A 325 -16.26 17.66 -15.44
CA ASN A 325 -16.13 18.36 -16.72
C ASN A 325 -14.84 19.18 -16.81
N VAL A 326 -13.72 18.66 -16.32
CA VAL A 326 -12.46 19.38 -16.38
C VAL A 326 -11.50 18.60 -17.26
N GLN A 327 -10.73 19.32 -18.07
CA GLN A 327 -9.71 18.68 -18.88
C GLN A 327 -8.35 18.90 -18.21
N LEU A 328 -7.69 17.81 -17.85
CA LEU A 328 -6.39 17.82 -17.23
C LEU A 328 -5.32 17.70 -18.30
N ASP A 329 -4.38 18.64 -18.30
CA ASP A 329 -3.14 18.51 -19.06
C ASP A 329 -2.12 17.92 -18.09
N LEU A 330 -2.02 16.59 -18.09
CA LEU A 330 -1.19 15.91 -17.09
C LEU A 330 0.28 16.31 -17.18
N LYS A 331 0.84 16.38 -18.39
CA LYS A 331 2.22 16.88 -18.55
C LYS A 331 2.38 18.27 -17.93
N ARG A 332 1.46 19.17 -18.23
CA ARG A 332 1.48 20.51 -17.65
C ARG A 332 1.38 20.46 -16.11
N MET A 333 0.54 19.59 -15.57
CA MET A 333 0.43 19.51 -14.11
C MET A 333 1.74 19.04 -13.49
N ILE A 334 2.45 18.14 -14.16
CA ILE A 334 3.72 17.66 -13.64
C ILE A 334 4.80 18.71 -13.86
N SER A 335 4.71 19.46 -14.96
CA SER A 335 5.60 20.58 -15.18
C SER A 335 5.42 21.63 -14.09
N ASP A 336 4.18 21.88 -13.67
CA ASP A 336 3.82 22.89 -12.68
C ASP A 336 4.00 22.43 -11.24
N ALA A 337 4.22 21.13 -11.01
CA ALA A 337 4.19 20.62 -9.65
C ALA A 337 5.28 21.18 -8.74
N PRO A 338 6.52 21.40 -9.19
CA PRO A 338 7.51 22.02 -8.29
C PRO A 338 7.05 23.35 -7.69
N GLN A 339 6.49 24.24 -8.51
CA GLN A 339 6.02 25.52 -7.98
C GLN A 339 4.81 25.32 -7.07
N ASN A 340 3.87 24.46 -7.49
CA ASN A 340 2.68 24.21 -6.68
C ASN A 340 3.04 23.60 -5.33
N ARG A 341 4.00 22.68 -5.31
CA ARG A 341 4.44 22.09 -4.04
C ARG A 341 4.98 23.14 -3.10
N VAL A 342 5.57 24.21 -3.63
CA VAL A 342 6.14 25.27 -2.79
C VAL A 342 5.03 26.02 -2.06
N GLN A 343 3.91 26.27 -2.73
CA GLN A 343 2.83 27.06 -2.16
C GLN A 343 1.99 26.29 -1.14
N VAL A 344 2.10 24.97 -1.07
CA VAL A 344 1.42 24.21 -0.02
C VAL A 344 2.18 24.40 1.29
N THR A 345 1.47 24.77 2.35
CA THR A 345 2.09 25.09 3.63
C THR A 345 2.19 23.84 4.50
N LYS A 346 2.74 24.01 5.71
CA LYS A 346 2.90 22.89 6.63
C LYS A 346 1.57 22.47 7.24
N GLU A 347 0.65 23.42 7.47
CA GLU A 347 -0.65 23.09 8.04
C GLU A 347 -1.57 22.41 7.04
N GLU A 348 -1.37 22.66 5.74
CA GLU A 348 -2.21 22.02 4.74
C GLU A 348 -1.95 20.51 4.64
N TYR A 349 -0.78 20.04 5.06
CA TYR A 349 -0.48 18.61 5.12
C TYR A 349 -0.85 18.05 6.51
#